data_6BB7
#
_entry.id   6BB7
#
_cell.length_a   100.110
_cell.length_b   100.110
_cell.length_c   100.110
_cell.angle_alpha   90.00
_cell.angle_beta   90.00
_cell.angle_gamma   90.00
#
_symmetry.space_group_name_H-M   'P 21 3'
#
loop_
_entity.id
_entity.type
_entity.pdbx_description
1 polymer 'Purine nucleoside phosphorylase'
2 non-polymer 'DIMETHYL SULFOXIDE'
3 non-polymer 3-methylpyridin-2-ol
4 water water
#
_entity_poly.entity_id   1
_entity_poly.type   'polypeptide(L)'
_entity_poly.pdbx_seq_one_letter_code
;MTTPVVANYENASMAADYIKRVSNVLPDIGII(CME)GSGLGKLIEEIEERKVIPYINIPNFPKTTVAGHVGNLVLGSVG
GRKIVAMQGRLHMYEGYSNQEIALPIRVMKLLGVRVLLITNLAGGINRKLKSGDFVLIKGHINFPGLGLNNVLVGPNQDE
FGPRFPDLSNAYDRLLQQLALKIAQENDFQDLVHEGVYAFNGGPTYESPDESNMLLKLGCDVVGMSTVPEVIIACHCGIK
VLAVSLIANNSILDAENDVSINHEKVLAVAEKRADLLQMWFKEIITRLPLD
;
_entity_poly.pdbx_strand_id   A
#
loop_
_chem_comp.id
_chem_comp.type
_chem_comp.name
_chem_comp.formula
D4V non-polymer 3-methylpyridin-2-ol 'C6 H7 N O'
DMS non-polymer 'DIMETHYL SULFOXIDE' 'C2 H6 O S'
#
# COMPACT_ATOMS: atom_id res chain seq x y z
N VAL A 5 3.83 -20.60 9.22
CA VAL A 5 2.57 -20.79 8.51
C VAL A 5 2.70 -20.27 7.08
N VAL A 6 2.48 -21.17 6.11
CA VAL A 6 2.58 -20.82 4.70
C VAL A 6 1.31 -20.13 4.22
N ALA A 7 1.45 -19.17 3.30
CA ALA A 7 0.32 -18.45 2.70
C ALA A 7 -0.32 -19.29 1.57
N ASN A 8 -0.79 -20.47 1.95
CA ASN A 8 -1.43 -21.41 1.03
C ASN A 8 -2.96 -21.34 1.07
N TYR A 9 -3.59 -22.09 0.15
CA TYR A 9 -5.05 -22.06 -0.03
C TYR A 9 -5.79 -22.50 1.24
N GLU A 10 -5.35 -23.62 1.85
CA GLU A 10 -6.01 -24.11 3.06
C GLU A 10 -5.91 -23.12 4.22
N ASN A 11 -4.73 -22.54 4.45
CA ASN A 11 -4.56 -21.64 5.59
C ASN A 11 -5.31 -20.32 5.39
N ALA A 12 -5.26 -19.77 4.17
CA ALA A 12 -6.05 -18.60 3.87
C ALA A 12 -7.55 -18.88 4.04
N SER A 13 -8.01 -20.09 3.64
CA SER A 13 -9.43 -20.43 3.78
C SER A 13 -9.86 -20.48 5.25
N MET A 14 -9.01 -20.97 6.14
CA MET A 14 -9.39 -21.02 7.55
C MET A 14 -9.58 -19.62 8.11
N ALA A 15 -8.72 -18.69 7.72
CA ALA A 15 -8.87 -17.31 8.19
C ALA A 15 -10.13 -16.67 7.62
N ALA A 16 -10.39 -16.88 6.33
CA ALA A 16 -11.59 -16.30 5.72
C ALA A 16 -12.86 -16.85 6.36
N ASP A 17 -12.89 -18.15 6.67
CA ASP A 17 -14.04 -18.73 7.34
C ASP A 17 -14.35 -18.01 8.66
N TYR A 18 -13.32 -17.79 9.50
CA TYR A 18 -13.51 -17.08 10.76
C TYR A 18 -14.11 -15.70 10.51
N ILE A 19 -13.48 -14.94 9.60
CA ILE A 19 -13.92 -13.58 9.31
C ILE A 19 -15.39 -13.57 8.88
N LYS A 20 -15.74 -14.43 7.93
CA LYS A 20 -17.12 -14.45 7.44
C LYS A 20 -18.12 -14.69 8.56
N ARG A 21 -17.82 -15.62 9.47
CA ARG A 21 -18.72 -15.90 10.59
C ARG A 21 -18.94 -14.67 11.45
N VAL A 22 -17.92 -13.86 11.63
CA VAL A 22 -17.98 -12.76 12.59
C VAL A 22 -18.56 -11.47 11.99
N SER A 23 -18.36 -11.20 10.70
CA SER A 23 -18.62 -9.87 10.17
C SER A 23 -19.84 -9.75 9.29
N ASN A 24 -20.20 -10.78 8.53
CA ASN A 24 -21.38 -10.76 7.67
C ASN A 24 -21.21 -9.88 6.43
N VAL A 25 -20.09 -9.17 6.29
CA VAL A 25 -19.80 -8.30 5.16
C VAL A 25 -19.08 -9.11 4.08
N LEU A 26 -19.52 -8.96 2.83
CA LEU A 26 -18.78 -9.54 1.71
C LEU A 26 -18.15 -8.40 0.91
N PRO A 27 -16.86 -8.11 1.13
CA PRO A 27 -16.26 -6.92 0.55
C PRO A 27 -15.82 -7.12 -0.89
N ASP A 28 -15.95 -6.04 -1.67
CA ASP A 28 -15.47 -5.95 -3.05
C ASP A 28 -14.18 -5.16 -3.19
N ILE A 29 -13.85 -4.34 -2.18
CA ILE A 29 -12.73 -3.41 -2.21
C ILE A 29 -11.91 -3.60 -0.95
N GLY A 30 -10.59 -3.59 -1.09
CA GLY A 30 -9.68 -3.60 0.04
C GLY A 30 -8.88 -2.31 0.08
N ILE A 31 -8.50 -1.89 1.30
CA ILE A 31 -7.66 -0.69 1.49
C ILE A 31 -6.53 -0.97 2.49
N ILE A 32 -5.36 -0.41 2.19
CA ILE A 32 -4.17 -0.43 3.06
C ILE A 32 -3.66 0.99 3.12
N CME A 33 -3.62 1.59 4.31
CA CME A 33 -3.37 3.01 4.46
CB CME A 33 -4.46 3.71 5.28
SG CME A 33 -6.09 3.35 4.71
SD CME A 33 -6.17 4.19 2.78
CE CME A 33 -7.10 5.67 2.99
CZ CME A 33 -6.32 6.88 2.56
OH CME A 33 -5.06 6.79 3.19
C CME A 33 -2.03 3.25 5.14
O CME A 33 -1.63 2.57 6.10
HA CME A 33 -3.34 3.47 3.42
HB2 CME A 33 -4.29 4.82 5.29
HB3 CME A 33 -4.46 3.35 6.35
HE2 CME A 33 -7.31 5.71 4.09
HE3 CME A 33 -8.08 5.63 2.46
HZ2 CME A 33 -6.85 7.82 2.88
HZ3 CME A 33 -6.20 6.91 1.43
HH CME A 33 -4.69 7.68 3.20
N GLY A 34 -1.32 4.28 4.66
CA GLY A 34 -0.03 4.65 5.21
C GLY A 34 -0.04 5.27 6.61
N SER A 35 1.12 5.45 7.20
CA SER A 35 1.19 5.93 8.58
C SER A 35 0.66 7.35 8.68
N GLY A 36 -0.22 7.58 9.66
CA GLY A 36 -0.88 8.87 9.79
C GLY A 36 -2.00 9.12 8.77
N LEU A 37 -2.31 8.14 7.90
CA LEU A 37 -3.27 8.30 6.82
C LEU A 37 -4.46 7.34 6.96
N GLY A 38 -4.80 6.96 8.19
CA GLY A 38 -5.83 5.95 8.42
C GLY A 38 -7.18 6.46 8.91
N LYS A 39 -7.40 7.76 8.93
CA LYS A 39 -8.64 8.30 9.47
C LYS A 39 -9.89 7.73 8.78
N LEU A 40 -9.80 7.42 7.49
CA LEU A 40 -10.97 6.88 6.79
C LEU A 40 -11.48 5.61 7.45
N ILE A 41 -10.57 4.79 8.00
CA ILE A 41 -10.97 3.53 8.61
C ILE A 41 -11.91 3.78 9.80
N GLU A 42 -11.69 4.87 10.55
CA GLU A 42 -12.54 5.18 11.69
C GLU A 42 -13.92 5.67 11.28
N GLU A 43 -14.17 5.85 9.98
CA GLU A 43 -15.46 6.34 9.50
C GLU A 43 -16.21 5.28 8.70
N ILE A 44 -15.69 4.05 8.64
CA ILE A 44 -16.41 2.96 8.00
C ILE A 44 -17.73 2.77 8.72
N GLU A 45 -18.81 2.65 7.94
CA GLU A 45 -20.15 2.57 8.51
C GLU A 45 -20.52 1.12 8.82
N GLU A 46 -21.36 0.97 9.85
CA GLU A 46 -21.81 -0.34 10.34
C GLU A 46 -20.65 -1.33 10.36
N ARG A 47 -19.61 -0.96 11.11
CA ARG A 47 -18.33 -1.61 10.98
C ARG A 47 -18.11 -2.67 12.05
N LYS A 48 -17.10 -3.49 11.79
CA LYS A 48 -16.71 -4.60 12.66
C LYS A 48 -15.20 -4.64 12.71
N VAL A 49 -14.64 -4.55 13.92
CA VAL A 49 -13.20 -4.50 14.15
C VAL A 49 -12.75 -5.87 14.65
N ILE A 50 -11.82 -6.51 13.94
CA ILE A 50 -11.34 -7.86 14.27
C ILE A 50 -9.83 -7.82 14.50
N PRO A 51 -9.36 -7.92 15.75
CA PRO A 51 -7.91 -7.94 15.98
C PRO A 51 -7.24 -9.09 15.25
N TYR A 52 -6.08 -8.79 14.65
CA TYR A 52 -5.32 -9.82 13.94
C TYR A 52 -5.09 -11.03 14.83
N ILE A 53 -4.85 -10.78 16.12
CA ILE A 53 -4.44 -11.85 17.03
C ILE A 53 -5.55 -12.88 17.20
N ASN A 54 -6.80 -12.51 16.91
CA ASN A 54 -7.94 -13.42 17.00
C ASN A 54 -8.18 -14.25 15.73
N ILE A 55 -7.55 -13.94 14.60
CA ILE A 55 -7.87 -14.55 13.31
C ILE A 55 -6.95 -15.75 13.09
N PRO A 56 -7.48 -16.95 12.84
CA PRO A 56 -6.60 -18.10 12.58
C PRO A 56 -5.60 -17.83 11.47
N ASN A 57 -4.33 -18.14 11.74
CA ASN A 57 -3.24 -18.08 10.76
C ASN A 57 -2.76 -16.68 10.42
N PHE A 58 -3.27 -15.62 11.04
CA PHE A 58 -2.70 -14.29 10.78
C PHE A 58 -1.32 -14.19 11.46
N PRO A 59 -0.41 -13.39 10.90
CA PRO A 59 0.95 -13.32 11.44
C PRO A 59 0.99 -12.69 12.83
N LYS A 60 1.91 -13.19 13.66
CA LYS A 60 2.11 -12.62 14.99
C LYS A 60 2.83 -11.28 14.90
N THR A 61 2.28 -10.27 15.59
CA THR A 61 2.78 -8.90 15.49
C THR A 61 3.13 -8.29 16.85
N THR A 62 3.23 -9.11 17.93
CA THR A 62 3.43 -8.57 19.26
C THR A 62 4.85 -8.08 19.53
N VAL A 63 5.86 -8.50 18.75
CA VAL A 63 7.19 -7.95 18.98
C VAL A 63 7.21 -6.48 18.60
N ALA A 64 6.60 -6.13 17.46
CA ALA A 64 6.53 -4.72 17.07
C ALA A 64 5.49 -3.98 17.91
N GLY A 65 4.43 -4.67 18.31
CA GLY A 65 3.35 -4.04 19.04
C GLY A 65 2.54 -3.13 18.16
N HIS A 66 1.90 -2.16 18.81
CA HIS A 66 1.01 -1.20 18.16
C HIS A 66 -0.20 -1.86 17.51
N VAL A 67 -1.04 -1.07 16.84
CA VAL A 67 -2.36 -1.53 16.40
C VAL A 67 -2.25 -2.56 15.28
N GLY A 68 -3.19 -3.50 15.25
CA GLY A 68 -3.26 -4.49 14.19
C GLY A 68 -4.64 -5.13 14.12
N ASN A 69 -5.53 -4.55 13.29
CA ASN A 69 -6.93 -4.97 13.18
C ASN A 69 -7.33 -5.04 11.71
N LEU A 70 -8.25 -5.96 11.39
CA LEU A 70 -9.01 -5.97 10.14
C LEU A 70 -10.37 -5.33 10.40
N VAL A 71 -10.76 -4.35 9.57
CA VAL A 71 -12.00 -3.59 9.78
C VAL A 71 -12.88 -3.73 8.53
N LEU A 72 -14.11 -4.19 8.72
CA LEU A 72 -15.05 -4.39 7.63
C LEU A 72 -16.30 -3.55 7.82
N GLY A 73 -16.87 -3.08 6.70
CA GLY A 73 -18.07 -2.25 6.74
C GLY A 73 -18.30 -1.59 5.40
N SER A 74 -19.04 -0.47 5.42
CA SER A 74 -19.45 0.22 4.19
C SER A 74 -18.89 1.63 4.11
N VAL A 75 -18.50 2.04 2.89
CA VAL A 75 -18.10 3.40 2.57
C VAL A 75 -18.77 3.78 1.24
N GLY A 76 -19.48 4.90 1.22
CA GLY A 76 -20.13 5.35 0.00
C GLY A 76 -21.06 4.33 -0.62
N GLY A 77 -21.67 3.48 0.20
CA GLY A 77 -22.52 2.42 -0.29
C GLY A 77 -21.79 1.18 -0.77
N ARG A 78 -20.47 1.14 -0.64
CA ARG A 78 -19.66 0.02 -1.12
C ARG A 78 -19.13 -0.78 0.07
N LYS A 79 -19.01 -2.09 -0.11
CA LYS A 79 -18.52 -2.97 0.95
C LYS A 79 -17.00 -3.06 0.88
N ILE A 80 -16.32 -2.79 2.00
CA ILE A 80 -14.86 -2.76 2.03
C ILE A 80 -14.29 -3.54 3.21
N VAL A 81 -13.01 -3.91 3.07
CA VAL A 81 -12.17 -4.45 4.15
C VAL A 81 -10.87 -3.67 4.19
N ALA A 82 -10.47 -3.21 5.39
CA ALA A 82 -9.26 -2.43 5.59
C ALA A 82 -8.30 -3.16 6.52
N MET A 83 -7.00 -3.07 6.22
CA MET A 83 -5.95 -3.40 7.19
C MET A 83 -5.58 -2.15 7.99
N GLN A 84 -5.71 -2.21 9.32
CA GLN A 84 -5.36 -1.13 10.24
C GLN A 84 -4.09 -1.53 10.99
N GLY A 85 -2.95 -0.98 10.57
CA GLY A 85 -1.68 -1.47 11.05
C GLY A 85 -1.04 -2.38 10.01
N ARG A 86 -0.22 -1.78 9.16
CA ARG A 86 0.37 -2.53 8.06
C ARG A 86 1.60 -3.33 8.51
N LEU A 87 1.87 -4.41 7.79
CA LEU A 87 3.05 -5.22 8.01
C LEU A 87 4.09 -4.79 6.99
N HIS A 88 5.28 -4.38 7.46
CA HIS A 88 6.35 -3.99 6.56
C HIS A 88 7.54 -4.93 6.65
N MET A 89 8.22 -5.14 5.51
CA MET A 89 9.26 -6.16 5.47
CA MET A 89 9.28 -6.15 5.46
C MET A 89 10.51 -5.77 6.28
N TYR A 90 10.78 -4.46 6.46
CA TYR A 90 11.91 -4.07 7.32
C TYR A 90 11.73 -4.50 8.77
N GLU A 91 10.52 -4.91 9.21
CA GLU A 91 10.31 -5.38 10.58
C GLU A 91 10.75 -6.83 10.77
N GLY A 92 11.08 -7.52 9.68
CA GLY A 92 11.46 -8.90 9.73
C GLY A 92 10.38 -9.91 9.40
N TYR A 93 9.19 -9.47 9.01
CA TYR A 93 8.15 -10.42 8.55
C TYR A 93 8.62 -11.15 7.30
N SER A 94 8.26 -12.42 7.20
CA SER A 94 8.61 -13.22 6.03
C SER A 94 7.63 -12.98 4.86
N ASN A 95 8.05 -13.50 3.69
CA ASN A 95 7.21 -13.50 2.49
C ASN A 95 5.82 -14.07 2.78
N GLN A 96 5.77 -15.17 3.53
CA GLN A 96 4.50 -15.83 3.81
C GLN A 96 3.61 -14.98 4.72
N GLU A 97 4.21 -14.22 5.66
CA GLU A 97 3.41 -13.38 6.56
C GLU A 97 2.81 -12.17 5.83
N ILE A 98 3.58 -11.54 4.91
CA ILE A 98 3.05 -10.43 4.13
C ILE A 98 1.91 -10.88 3.24
N ALA A 99 2.06 -12.07 2.62
CA ALA A 99 1.13 -12.48 1.56
C ALA A 99 -0.21 -12.96 2.11
N LEU A 100 -0.23 -13.57 3.29
CA LEU A 100 -1.47 -14.21 3.74
C LEU A 100 -2.64 -13.23 3.84
N PRO A 101 -2.51 -12.04 4.44
CA PRO A 101 -3.67 -11.13 4.48
C PRO A 101 -4.23 -10.74 3.11
N ILE A 102 -3.36 -10.55 2.09
CA ILE A 102 -3.84 -10.20 0.75
C ILE A 102 -4.59 -11.37 0.12
N ARG A 103 -4.08 -12.59 0.32
CA ARG A 103 -4.77 -13.79 -0.20
C ARG A 103 -6.11 -14.04 0.51
N VAL A 104 -6.21 -13.73 1.80
CA VAL A 104 -7.51 -13.74 2.50
C VAL A 104 -8.46 -12.74 1.86
N MET A 105 -7.99 -11.52 1.58
CA MET A 105 -8.83 -10.56 0.87
C MET A 105 -9.36 -11.16 -0.42
N LYS A 106 -8.50 -11.84 -1.18
CA LYS A 106 -8.96 -12.46 -2.44
C LYS A 106 -10.09 -13.46 -2.19
N LEU A 107 -9.92 -14.35 -1.21
CA LEU A 107 -10.96 -15.34 -0.92
C LEU A 107 -12.26 -14.70 -0.42
N LEU A 108 -12.18 -13.52 0.23
CA LEU A 108 -13.37 -12.83 0.71
C LEU A 108 -14.15 -12.17 -0.42
N GLY A 109 -13.51 -11.97 -1.58
CA GLY A 109 -14.19 -11.42 -2.75
C GLY A 109 -13.60 -10.13 -3.29
N VAL A 110 -12.47 -9.67 -2.74
CA VAL A 110 -11.88 -8.38 -3.13
C VAL A 110 -11.43 -8.43 -4.59
N ARG A 111 -11.84 -7.42 -5.37
CA ARG A 111 -11.44 -7.27 -6.76
C ARG A 111 -10.54 -6.06 -7.02
N VAL A 112 -10.52 -5.07 -6.13
CA VAL A 112 -9.74 -3.83 -6.25
C VAL A 112 -9.08 -3.53 -4.89
N LEU A 113 -7.78 -3.21 -4.91
CA LEU A 113 -7.01 -2.85 -3.71
C LEU A 113 -6.47 -1.43 -3.88
N LEU A 114 -6.80 -0.55 -2.92
CA LEU A 114 -6.34 0.85 -2.89
C LEU A 114 -5.28 0.97 -1.78
N ILE A 115 -4.11 1.56 -2.11
CA ILE A 115 -2.96 1.61 -1.20
C ILE A 115 -2.39 3.02 -1.15
N THR A 116 -2.07 3.49 0.06
CA THR A 116 -1.35 4.75 0.25
C THR A 116 -0.09 4.52 1.08
N ASN A 117 0.92 5.39 0.87
CA ASN A 117 2.16 5.36 1.61
C ASN A 117 2.77 6.75 1.67
N LEU A 118 3.76 6.93 2.55
CA LEU A 118 4.65 8.08 2.54
C LEU A 118 5.96 7.71 1.86
N ALA A 119 6.55 8.66 1.13
CA ALA A 119 7.76 8.39 0.35
C ALA A 119 8.61 9.64 0.20
N GLY A 120 9.86 9.43 -0.23
CA GLY A 120 10.77 10.52 -0.59
C GLY A 120 10.72 10.87 -2.08
N GLY A 121 10.78 12.17 -2.37
CA GLY A 121 10.80 12.63 -3.75
C GLY A 121 12.20 12.64 -4.34
N ILE A 122 12.31 12.14 -5.57
CA ILE A 122 13.54 12.14 -6.35
C ILE A 122 13.43 13.12 -7.55
N ASN A 123 12.38 12.98 -8.36
CA ASN A 123 12.14 13.88 -9.49
C ASN A 123 12.12 15.34 -9.01
N ARG A 124 12.75 16.21 -9.78
CA ARG A 124 12.88 17.61 -9.37
C ARG A 124 11.53 18.34 -9.33
N LYS A 125 10.49 17.83 -9.98
CA LYS A 125 9.18 18.50 -9.92
C LYS A 125 8.41 18.25 -8.62
N LEU A 126 8.86 17.33 -7.76
CA LEU A 126 8.13 16.93 -6.56
C LEU A 126 8.53 17.74 -5.33
N LYS A 127 7.53 18.25 -4.61
CA LYS A 127 7.68 19.02 -3.37
C LYS A 127 6.99 18.26 -2.23
N SER A 128 7.38 18.59 -1.00
CA SER A 128 6.65 18.09 0.16
C SER A 128 5.15 18.44 0.06
N GLY A 129 4.30 17.43 0.32
CA GLY A 129 2.86 17.59 0.25
C GLY A 129 2.23 17.19 -1.07
N ASP A 130 3.02 16.87 -2.08
CA ASP A 130 2.50 16.42 -3.37
C ASP A 130 2.06 14.96 -3.28
N PHE A 131 1.16 14.56 -4.20
CA PHE A 131 0.76 13.16 -4.37
C PHE A 131 1.32 12.61 -5.68
N VAL A 132 1.70 11.33 -5.70
CA VAL A 132 2.18 10.65 -6.91
C VAL A 132 1.33 9.39 -7.16
N LEU A 133 0.63 9.35 -8.30
CA LEU A 133 -0.03 8.14 -8.78
C LEU A 133 1.04 7.21 -9.35
N ILE A 134 1.23 6.04 -8.73
CA ILE A 134 2.34 5.16 -9.12
C ILE A 134 1.97 4.43 -10.41
N LYS A 135 2.85 4.49 -11.43
CA LYS A 135 2.58 3.86 -12.72
C LYS A 135 3.50 2.68 -13.03
N GLY A 136 4.49 2.42 -12.18
CA GLY A 136 5.44 1.33 -12.35
C GLY A 136 6.44 1.39 -11.21
N HIS A 137 7.33 0.37 -11.16
CA HIS A 137 8.26 0.28 -10.02
C HIS A 137 9.62 -0.29 -10.42
N ILE A 138 10.60 -0.03 -9.54
CA ILE A 138 11.92 -0.67 -9.58
C ILE A 138 12.13 -1.39 -8.23
N ASN A 139 12.12 -2.72 -8.27
CA ASN A 139 12.04 -3.59 -7.06
C ASN A 139 13.44 -4.11 -6.72
N PHE A 140 14.21 -3.31 -5.98
CA PHE A 140 15.58 -3.73 -5.63
C PHE A 140 15.59 -5.04 -4.86
N PRO A 141 14.71 -5.26 -3.87
CA PRO A 141 14.69 -6.60 -3.24
C PRO A 141 14.43 -7.73 -4.24
N GLY A 142 13.50 -7.55 -5.19
CA GLY A 142 13.22 -8.60 -6.18
C GLY A 142 14.41 -8.93 -7.07
N LEU A 143 15.12 -7.90 -7.58
CA LEU A 143 16.32 -8.16 -8.37
C LEU A 143 17.33 -8.94 -7.53
N GLY A 144 17.40 -8.66 -6.23
CA GLY A 144 18.40 -9.23 -5.31
C GLY A 144 18.06 -10.49 -4.55
N LEU A 145 17.09 -11.29 -5.02
CA LEU A 145 16.67 -12.58 -4.47
C LEU A 145 15.81 -12.49 -3.20
N ASN A 146 15.24 -11.30 -2.91
CA ASN A 146 14.28 -11.10 -1.83
C ASN A 146 12.88 -10.70 -2.34
N ASN A 147 12.51 -11.09 -3.57
CA ASN A 147 11.12 -10.91 -4.02
C ASN A 147 10.13 -11.59 -3.07
N VAL A 148 8.97 -10.97 -2.85
CA VAL A 148 7.92 -11.53 -2.00
C VAL A 148 7.41 -12.91 -2.48
N LEU A 149 7.60 -13.25 -3.76
CA LEU A 149 7.17 -14.55 -4.30
C LEU A 149 8.27 -15.64 -4.27
N VAL A 150 9.48 -15.34 -3.75
CA VAL A 150 10.48 -16.40 -3.60
C VAL A 150 9.95 -17.48 -2.66
N GLY A 151 10.01 -18.74 -3.11
CA GLY A 151 9.43 -19.88 -2.41
C GLY A 151 8.63 -20.73 -3.40
N PRO A 152 8.01 -21.81 -2.91
CA PRO A 152 7.10 -22.57 -3.79
C PRO A 152 5.96 -21.69 -4.27
N ASN A 153 5.49 -21.95 -5.51
CA ASN A 153 4.31 -21.23 -5.99
C ASN A 153 3.02 -21.86 -5.42
N GLN A 154 2.09 -20.99 -5.01
CA GLN A 154 0.74 -21.42 -4.59
C GLN A 154 -0.18 -21.30 -5.81
N ASP A 155 -0.30 -22.44 -6.54
CA ASP A 155 -0.94 -22.48 -7.86
C ASP A 155 -2.41 -22.03 -7.85
N GLU A 156 -3.12 -22.26 -6.75
CA GLU A 156 -4.52 -21.85 -6.69
C GLU A 156 -4.69 -20.34 -6.80
N PHE A 157 -3.67 -19.56 -6.45
CA PHE A 157 -3.76 -18.11 -6.48
C PHE A 157 -3.26 -17.51 -7.79
N GLY A 158 -2.24 -18.10 -8.43
CA GLY A 158 -1.67 -17.49 -9.61
C GLY A 158 -0.50 -18.26 -10.17
N PRO A 159 0.12 -17.70 -11.23
CA PRO A 159 1.16 -18.42 -11.99
C PRO A 159 2.55 -18.34 -11.34
N ARG A 160 3.41 -19.29 -11.76
CA ARG A 160 4.80 -19.32 -11.28
C ARG A 160 5.56 -18.05 -11.64
N PHE A 161 5.36 -17.53 -12.86
CA PHE A 161 6.10 -16.37 -13.37
C PHE A 161 5.16 -15.23 -13.76
N PRO A 162 4.79 -14.35 -12.83
CA PRO A 162 3.88 -13.25 -13.19
C PRO A 162 4.52 -12.17 -14.03
N ASP A 163 3.68 -11.58 -14.90
CA ASP A 163 3.96 -10.36 -15.65
C ASP A 163 3.35 -9.18 -14.89
N LEU A 164 4.19 -8.18 -14.57
CA LEU A 164 3.80 -7.00 -13.80
C LEU A 164 3.55 -5.76 -14.67
N SER A 165 3.53 -5.91 -16.00
CA SER A 165 3.41 -4.74 -16.88
C SER A 165 2.09 -3.98 -16.70
N ASN A 166 1.03 -4.63 -16.21
CA ASN A 166 -0.24 -3.94 -15.96
C ASN A 166 -0.64 -4.01 -14.49
N ALA A 167 0.34 -4.05 -13.59
CA ALA A 167 0.06 -4.15 -12.16
C ALA A 167 -0.67 -2.93 -11.61
N TYR A 168 -0.43 -1.74 -12.20
CA TYR A 168 -1.03 -0.48 -11.76
C TYR A 168 -2.08 -0.10 -12.80
N ASP A 169 -3.35 -0.33 -12.47
CA ASP A 169 -4.44 -0.15 -13.43
C ASP A 169 -4.52 1.27 -13.99
N ARG A 170 -4.55 1.39 -15.31
CA ARG A 170 -4.54 2.72 -15.94
C ARG A 170 -5.87 3.47 -15.74
N LEU A 171 -7.00 2.77 -15.83
CA LEU A 171 -8.29 3.42 -15.63
C LEU A 171 -8.48 3.94 -14.20
N LEU A 172 -7.92 3.23 -13.21
CA LEU A 172 -8.02 3.72 -11.83
C LEU A 172 -7.19 4.98 -11.64
N GLN A 173 -5.98 5.04 -12.22
CA GLN A 173 -5.22 6.29 -12.23
C GLN A 173 -6.01 7.43 -12.84
N GLN A 174 -6.71 7.16 -13.96
CA GLN A 174 -7.47 8.23 -14.62
C GLN A 174 -8.63 8.72 -13.76
N LEU A 175 -9.30 7.80 -13.05
CA LEU A 175 -10.40 8.20 -12.16
C LEU A 175 -9.87 9.05 -11.01
N ALA A 176 -8.75 8.64 -10.41
CA ALA A 176 -8.16 9.42 -9.32
C ALA A 176 -7.85 10.85 -9.76
N LEU A 177 -7.28 11.01 -10.95
CA LEU A 177 -6.95 12.34 -11.45
C LEU A 177 -8.22 13.15 -11.76
N LYS A 178 -9.23 12.51 -12.37
CA LYS A 178 -10.48 13.19 -12.67
C LYS A 178 -11.09 13.81 -11.41
N ILE A 179 -11.06 13.07 -10.29
CA ILE A 179 -11.65 13.56 -9.04
C ILE A 179 -10.85 14.72 -8.48
N ALA A 180 -9.51 14.66 -8.59
CA ALA A 180 -8.68 15.80 -8.20
C ALA A 180 -9.03 17.05 -9.01
N GLN A 181 -9.26 16.89 -10.31
CA GLN A 181 -9.64 18.03 -11.15
C GLN A 181 -10.99 18.60 -10.74
N GLU A 182 -11.96 17.74 -10.42
CA GLU A 182 -13.28 18.20 -10.01
C GLU A 182 -13.22 19.08 -8.75
N ASN A 183 -12.27 18.81 -7.86
CA ASN A 183 -12.11 19.53 -6.60
C ASN A 183 -10.93 20.50 -6.62
N ASP A 184 -10.37 20.77 -7.80
CA ASP A 184 -9.37 21.82 -7.99
C ASP A 184 -8.13 21.63 -7.13
N PHE A 185 -7.68 20.37 -6.97
CA PHE A 185 -6.36 20.11 -6.40
C PHE A 185 -5.44 19.32 -7.33
N GLN A 186 -5.72 19.32 -8.63
CA GLN A 186 -4.88 18.62 -9.60
C GLN A 186 -3.46 19.15 -9.65
N ASP A 187 -3.22 20.41 -9.24
CA ASP A 187 -1.86 20.93 -9.20
C ASP A 187 -0.97 20.18 -8.23
N LEU A 188 -1.55 19.39 -7.32
CA LEU A 188 -0.76 18.57 -6.41
C LEU A 188 -0.49 17.15 -6.90
N VAL A 189 -1.06 16.73 -8.03
CA VAL A 189 -1.11 15.31 -8.42
C VAL A 189 -0.18 15.08 -9.61
N HIS A 190 0.81 14.21 -9.44
CA HIS A 190 1.78 13.80 -10.45
C HIS A 190 1.65 12.30 -10.69
N GLU A 191 2.39 11.78 -11.67
CA GLU A 191 2.56 10.35 -11.86
C GLU A 191 4.05 10.02 -11.85
N GLY A 192 4.38 8.76 -11.54
CA GLY A 192 5.79 8.43 -11.47
C GLY A 192 6.11 6.97 -11.15
N VAL A 193 7.41 6.67 -11.26
CA VAL A 193 7.98 5.34 -10.98
C VAL A 193 8.51 5.29 -9.54
N TYR A 194 8.11 4.24 -8.80
CA TYR A 194 8.42 4.05 -7.39
C TYR A 194 9.57 3.04 -7.22
N ALA A 195 10.65 3.47 -6.56
CA ALA A 195 11.73 2.57 -6.16
C ALA A 195 11.48 2.03 -4.75
N PHE A 196 11.58 0.69 -4.61
CA PHE A 196 11.45 0.00 -3.32
C PHE A 196 12.83 -0.13 -2.67
N ASN A 197 13.06 0.66 -1.61
CA ASN A 197 14.20 0.55 -0.68
C ASN A 197 13.74 -0.31 0.50
N GLY A 198 14.36 -1.49 0.68
CA GLY A 198 13.95 -2.36 1.77
C GLY A 198 13.90 -1.67 3.13
N GLY A 199 14.85 -0.77 3.41
CA GLY A 199 14.80 -0.01 4.68
C GLY A 199 15.42 -0.78 5.86
N PRO A 200 15.32 -0.25 7.09
CA PRO A 200 14.52 0.90 7.53
C PRO A 200 15.26 2.25 7.54
N THR A 201 16.54 2.30 7.16
CA THR A 201 17.22 3.59 7.03
C THR A 201 16.69 4.33 5.80
N TYR A 202 16.48 5.65 5.95
CA TYR A 202 16.13 6.48 4.80
C TYR A 202 17.25 6.37 3.76
N GLU A 203 16.88 6.49 2.48
CA GLU A 203 17.88 6.58 1.41
C GLU A 203 18.97 7.60 1.77
N SER A 204 20.23 7.21 1.60
CA SER A 204 21.35 8.11 1.88
C SER A 204 21.46 9.17 0.78
N PRO A 205 22.18 10.25 1.02
CA PRO A 205 22.34 11.27 -0.05
C PRO A 205 22.87 10.68 -1.33
N ASP A 206 23.88 9.80 -1.25
CA ASP A 206 24.43 9.22 -2.47
C ASP A 206 23.53 8.17 -3.09
N GLU A 207 22.76 7.42 -2.30
CA GLU A 207 21.73 6.56 -2.87
C GLU A 207 20.68 7.38 -3.64
N SER A 208 20.27 8.53 -3.10
CA SER A 208 19.32 9.39 -3.78
C SER A 208 19.84 9.83 -5.13
N ASN A 209 21.10 10.26 -5.19
CA ASN A 209 21.72 10.68 -6.45
C ASN A 209 21.75 9.54 -7.45
N MET A 210 22.02 8.31 -6.98
CA MET A 210 21.99 7.16 -7.87
C MET A 210 20.59 6.96 -8.44
N LEU A 211 19.55 7.04 -7.59
CA LEU A 211 18.19 6.79 -8.04
C LEU A 211 17.73 7.79 -9.09
N LEU A 212 18.18 9.04 -8.99
CA LEU A 212 17.88 10.01 -10.02
C LEU A 212 18.42 9.54 -11.37
N LYS A 213 19.66 9.06 -11.39
CA LYS A 213 20.28 8.58 -12.64
C LYS A 213 19.52 7.39 -13.24
N LEU A 214 18.85 6.59 -12.42
CA LEU A 214 18.24 5.32 -12.84
C LEU A 214 16.77 5.46 -13.24
N GLY A 215 16.24 6.68 -13.27
CA GLY A 215 14.88 6.87 -13.71
C GLY A 215 13.83 6.73 -12.64
N CYS A 216 14.19 6.83 -11.36
CA CYS A 216 13.22 6.74 -10.28
CA CYS A 216 13.23 6.74 -10.28
C CYS A 216 12.67 8.13 -9.97
N ASP A 217 11.36 8.20 -9.75
CA ASP A 217 10.72 9.46 -9.37
C ASP A 217 10.49 9.59 -7.87
N VAL A 218 10.23 8.49 -7.15
CA VAL A 218 9.97 8.48 -5.71
C VAL A 218 10.61 7.21 -5.16
N VAL A 219 10.89 7.21 -3.85
CA VAL A 219 11.48 6.05 -3.17
C VAL A 219 10.78 5.83 -1.82
N GLY A 220 10.47 4.57 -1.50
CA GLY A 220 9.92 4.25 -0.19
C GLY A 220 10.16 2.79 0.19
N MET A 221 9.61 2.42 1.35
CA MET A 221 9.93 1.15 2.03
C MET A 221 8.76 0.17 2.09
N SER A 222 7.72 0.37 1.28
CA SER A 222 6.51 -0.45 1.38
C SER A 222 5.91 -0.66 -0.01
N THR A 223 4.67 -1.17 -0.03
CA THR A 223 3.77 -1.16 -1.17
C THR A 223 4.08 -2.21 -2.25
N VAL A 224 5.33 -2.26 -2.76
CA VAL A 224 5.65 -3.21 -3.84
C VAL A 224 5.36 -4.66 -3.47
N PRO A 225 5.66 -5.14 -2.24
CA PRO A 225 5.28 -6.55 -1.91
C PRO A 225 3.79 -6.81 -2.07
N GLU A 226 2.95 -5.91 -1.54
CA GLU A 226 1.50 -6.08 -1.62
C GLU A 226 1.01 -6.03 -3.06
N VAL A 227 1.56 -5.11 -3.86
CA VAL A 227 1.19 -4.99 -5.27
C VAL A 227 1.46 -6.31 -5.99
N ILE A 228 2.60 -6.93 -5.72
CA ILE A 228 2.98 -8.16 -6.43
C ILE A 228 2.04 -9.31 -6.04
N ILE A 229 1.73 -9.46 -4.75
CA ILE A 229 0.79 -10.50 -4.33
C ILE A 229 -0.60 -10.29 -4.94
N ALA A 230 -1.06 -9.03 -4.98
CA ALA A 230 -2.35 -8.69 -5.59
C ALA A 230 -2.35 -9.01 -7.11
N CYS A 231 -1.30 -8.59 -7.83
CA CYS A 231 -1.24 -8.84 -9.27
C CYS A 231 -1.20 -10.34 -9.57
N HIS A 232 -0.45 -11.11 -8.77
CA HIS A 232 -0.37 -12.57 -8.92
C HIS A 232 -1.76 -13.22 -8.91
N CYS A 233 -2.66 -12.76 -8.02
CA CYS A 233 -3.98 -13.36 -7.87
C CYS A 233 -5.10 -12.57 -8.55
N GLY A 234 -4.77 -11.64 -9.44
CA GLY A 234 -5.79 -10.97 -10.25
C GLY A 234 -6.54 -9.82 -9.63
N ILE A 235 -6.02 -9.17 -8.59
CA ILE A 235 -6.65 -8.01 -7.96
C ILE A 235 -6.06 -6.74 -8.59
N LYS A 236 -6.92 -5.83 -9.03
CA LYS A 236 -6.51 -4.55 -9.62
C LYS A 236 -6.03 -3.62 -8.50
N VAL A 237 -5.03 -2.76 -8.81
CA VAL A 237 -4.38 -1.92 -7.78
C VAL A 237 -4.34 -0.46 -8.21
N LEU A 238 -4.64 0.46 -7.26
CA LEU A 238 -4.29 1.88 -7.32
C LEU A 238 -3.38 2.16 -6.12
N ALA A 239 -2.18 2.71 -6.37
CA ALA A 239 -1.22 3.05 -5.31
C ALA A 239 -0.82 4.52 -5.41
N VAL A 240 -0.90 5.24 -4.30
CA VAL A 240 -0.61 6.68 -4.27
C VAL A 240 0.42 6.95 -3.16
N SER A 241 1.50 7.65 -3.50
CA SER A 241 2.49 8.11 -2.51
C SER A 241 2.24 9.58 -2.13
N LEU A 242 2.30 9.88 -0.84
CA LEU A 242 2.39 11.25 -0.33
C LEU A 242 3.86 11.59 -0.10
N ILE A 243 4.32 12.68 -0.73
CA ILE A 243 5.74 13.04 -0.72
C ILE A 243 6.08 13.81 0.54
N ALA A 244 7.06 13.29 1.30
CA ALA A 244 7.44 13.95 2.56
C ALA A 244 8.49 15.04 2.36
N ASN A 245 9.31 14.93 1.31
CA ASN A 245 10.47 15.80 1.13
C ASN A 245 11.02 15.53 -0.26
N ASN A 246 11.95 16.38 -0.72
CA ASN A 246 12.73 16.07 -1.91
C ASN A 246 14.17 15.73 -1.49
N SER A 247 14.53 14.46 -1.64
CA SER A 247 15.81 13.95 -1.15
C SER A 247 16.99 14.50 -1.94
N ILE A 248 16.79 14.84 -3.22
CA ILE A 248 17.85 15.44 -4.03
C ILE A 248 18.14 16.87 -3.56
N LEU A 249 17.10 17.69 -3.33
CA LEU A 249 17.34 19.02 -2.80
C LEU A 249 17.99 18.95 -1.43
N ASP A 250 17.53 18.03 -0.58
CA ASP A 250 18.10 17.93 0.76
C ASP A 250 19.59 17.57 0.70
N ALA A 251 19.98 16.73 -0.26
CA ALA A 251 21.40 16.38 -0.39
C ALA A 251 22.22 17.58 -0.83
N GLU A 252 21.70 18.41 -1.73
CA GLU A 252 22.41 19.60 -2.19
C GLU A 252 22.53 20.67 -1.10
N ASN A 253 21.63 20.66 -0.10
CA ASN A 253 21.59 21.67 0.95
C ASN A 253 21.97 21.10 2.32
N ASP A 254 22.39 19.83 2.40
CA ASP A 254 22.74 19.16 3.66
C ASP A 254 21.65 19.30 4.73
N VAL A 255 20.42 18.94 4.35
CA VAL A 255 19.25 18.94 5.25
C VAL A 255 18.81 17.50 5.52
N SER A 256 18.38 17.24 6.76
CA SER A 256 18.07 15.90 7.25
C SER A 256 16.58 15.59 7.18
N ILE A 257 16.25 14.30 7.16
CA ILE A 257 14.87 13.84 7.23
C ILE A 257 14.72 13.03 8.50
N ASN A 258 13.50 12.99 9.03
CA ASN A 258 13.22 12.19 10.22
C ASN A 258 11.73 11.90 10.30
N HIS A 259 11.39 10.93 11.16
CA HIS A 259 10.02 10.44 11.23
C HIS A 259 9.06 11.54 11.71
N GLU A 260 9.53 12.44 12.58
CA GLU A 260 8.70 13.55 13.04
C GLU A 260 8.26 14.41 11.87
N LYS A 261 9.20 14.79 11.01
CA LYS A 261 8.86 15.61 9.83
C LYS A 261 7.90 14.87 8.90
N VAL A 262 8.09 13.56 8.75
CA VAL A 262 7.22 12.76 7.90
C VAL A 262 5.79 12.80 8.41
N LEU A 263 5.61 12.55 9.71
CA LEU A 263 4.27 12.52 10.30
C LEU A 263 3.60 13.89 10.25
N ALA A 264 4.36 14.97 10.30
CA ALA A 264 3.76 16.30 10.15
C ALA A 264 3.21 16.53 8.75
N VAL A 265 3.90 16.03 7.70
CA VAL A 265 3.35 16.12 6.35
C VAL A 265 2.08 15.27 6.24
N ALA A 266 2.10 14.07 6.84
CA ALA A 266 0.88 13.25 6.87
C ALA A 266 -0.30 13.99 7.50
N GLU A 267 -0.08 14.67 8.63
CA GLU A 267 -1.18 15.39 9.27
C GLU A 267 -1.70 16.52 8.40
N LYS A 268 -0.81 17.19 7.68
CA LYS A 268 -1.19 18.31 6.82
C LYS A 268 -2.09 17.88 5.67
N ARG A 269 -1.93 16.66 5.15
CA ARG A 269 -2.68 16.18 3.99
C ARG A 269 -3.74 15.11 4.33
N ALA A 270 -3.85 14.70 5.59
CA ALA A 270 -4.71 13.56 5.95
C ALA A 270 -6.17 13.77 5.53
N ASP A 271 -6.74 14.95 5.84
CA ASP A 271 -8.18 15.16 5.61
C ASP A 271 -8.51 15.20 4.12
N LEU A 272 -7.64 15.82 3.31
CA LEU A 272 -7.83 15.84 1.86
C LEU A 272 -7.72 14.44 1.27
N LEU A 273 -6.75 13.65 1.72
CA LEU A 273 -6.60 12.29 1.22
C LEU A 273 -7.81 11.45 1.58
N GLN A 274 -8.35 11.63 2.79
CA GLN A 274 -9.55 10.92 3.20
C GLN A 274 -10.72 11.24 2.27
N MET A 275 -10.94 12.52 2.01
CA MET A 275 -12.03 12.92 1.12
C MET A 275 -11.83 12.35 -0.29
N TRP A 276 -10.60 12.38 -0.81
CA TRP A 276 -10.30 11.88 -2.14
C TRP A 276 -10.60 10.39 -2.25
N PHE A 277 -10.11 9.60 -1.29
CA PHE A 277 -10.30 8.15 -1.35
C PHE A 277 -11.75 7.75 -1.11
N LYS A 278 -12.50 8.51 -0.29
CA LYS A 278 -13.94 8.24 -0.15
C LYS A 278 -14.64 8.37 -1.49
N GLU A 279 -14.30 9.40 -2.27
CA GLU A 279 -14.93 9.60 -3.58
C GLU A 279 -14.50 8.53 -4.57
N ILE A 280 -13.21 8.15 -4.56
CA ILE A 280 -12.73 7.08 -5.45
C ILE A 280 -13.52 5.79 -5.19
N ILE A 281 -13.67 5.42 -3.92
CA ILE A 281 -14.44 4.23 -3.55
C ILE A 281 -15.86 4.32 -4.08
N THR A 282 -16.49 5.48 -3.90
CA THR A 282 -17.87 5.65 -4.35
C THR A 282 -17.99 5.50 -5.87
N ARG A 283 -16.99 5.97 -6.62
CA ARG A 283 -17.08 6.06 -8.08
C ARG A 283 -16.52 4.83 -8.81
N LEU A 284 -15.86 3.90 -8.12
CA LEU A 284 -15.25 2.75 -8.78
C LEU A 284 -16.28 2.04 -9.67
N PRO A 285 -15.91 1.66 -10.91
CA PRO A 285 -16.86 1.02 -11.84
C PRO A 285 -17.64 -0.12 -11.20
S DMS B . 4.67 -16.54 -1.87
O DMS B . 3.75 -17.74 -1.78
C1 DMS B . 4.37 -15.49 -0.43
C2 DMS B . 6.33 -17.07 -1.35
H11 DMS B . 3.39 -15.11 -0.48
H12 DMS B . 4.49 -16.06 0.45
H13 DMS B . 5.06 -14.69 -0.43
H21 DMS B . 6.27 -17.50 -0.39
H22 DMS B . 6.97 -16.23 -1.32
H23 DMS B . 6.71 -17.78 -2.04
S DMS C . -0.06 -11.80 -13.63
O DMS C . 0.86 -12.62 -14.56
C1 DMS C . -0.96 -10.70 -14.75
C2 DMS C . -1.39 -12.86 -13.06
H11 DMS C . -1.69 -10.16 -14.20
H12 DMS C . -1.45 -11.28 -15.50
H13 DMS C . -0.29 -10.02 -15.21
H21 DMS C . -1.00 -13.64 -12.45
H22 DMS C . -1.89 -13.28 -13.90
H23 DMS C . -2.07 -12.29 -12.49
S DMS D . -8.76 -17.67 -5.85
O DMS D . -8.60 -19.07 -5.34
C1 DMS D . -7.21 -17.13 -6.58
C2 DMS D . -9.79 -17.67 -7.35
H11 DMS D . -6.90 -17.83 -7.32
H12 DMS D . -6.46 -17.08 -5.83
H13 DMS D . -7.34 -16.18 -7.03
H21 DMS D . -9.83 -16.69 -7.76
H22 DMS D . -10.77 -17.99 -7.12
H23 DMS D . -9.37 -18.33 -8.08
S DMS E . -0.66 14.26 -13.80
O DMS E . -0.21 12.95 -14.38
C1 DMS E . 0.70 15.46 -13.85
C2 DMS E . -1.80 15.07 -14.94
H11 DMS E . 1.48 15.13 -13.23
H12 DMS E . 0.35 16.41 -13.53
H13 DMS E . 1.05 15.55 -14.86
H21 DMS E . -2.05 16.03 -14.59
H22 DMS E . -2.68 14.48 -15.04
H23 DMS E . -1.34 15.16 -15.90
C4 D4V F . 11.98 9.80 2.52
C5 D4V F . 11.04 7.59 2.90
C3 D4V F . 10.88 10.40 3.21
C2 D4V F . 9.83 9.58 3.75
C1 D4V F . 9.89 8.21 3.63
O D4V F . 11.12 6.25 2.73
C D4V F . 8.80 7.32 4.20
N D4V F . 12.03 8.38 2.36
H5 D4V F . 12.65 10.35 2.16
H4 D4V F . 10.84 11.33 3.31
H3 D4V F . 9.12 9.97 4.21
H1 D4V F . 8.28 7.83 4.84
H2 D4V F . 9.20 6.55 4.63
H D4V F . 8.22 7.02 3.48
#